data_1QAQ
#
_entry.id   1QAQ
#
_cell.length_a   80.93
_cell.length_b   80.93
_cell.length_c   120.63
_cell.angle_alpha   90
_cell.angle_beta   90
_cell.angle_gamma   90
#
_symmetry.space_group_name_H-M   'P 43 21 2'
#
loop_
_entity.id
_entity.type
_entity.pdbx_description
1 polymer "ERMC' RRNA METHYLTRANSFERASE"
2 non-polymer SINEFUNGIN
#
_entity_poly.entity_id   1
_entity_poly.type   'polypeptide(L)'
_entity_poly.pdbx_seq_one_letter_code
;MNEKNIKHSQNFITSKHNIDKIMTNIRLNEHDNIFEIGSGKGHFTLELVQRCNFVTAIEIDHKLCKTTENKLVDHDNFQV
LNKDILQFKFPKNQSYKIFGNIPYNISTDIIRKIVFDSIADEIYLIVEYGFAKRLLNTKRSLALFLMAEVDISILSMVPR
EYFHPKPKVNSSLIRLNRKKSRISHKDKQKYNYFVMKWVNKEYKKIFTKNQFNNSLKHAGIDDLNNISFEQFLSLFNSYK
LFNK
;
_entity_poly.pdbx_strand_id   A
#
loop_
_chem_comp.id
_chem_comp.type
_chem_comp.name
_chem_comp.formula
SFG non-polymer SINEFUNGIN 'C15 H23 N7 O5'
#
# COMPACT_ATOMS: atom_id res chain seq x y z
N SER A 9 -18.57 -5.66 11.36
CA SER A 9 -17.29 -6.29 10.92
C SER A 9 -16.12 -5.29 10.76
N GLN A 10 -16.32 -4.04 11.14
CA GLN A 10 -15.27 -3.03 11.07
C GLN A 10 -14.65 -2.90 12.46
N ASN A 11 -13.33 -2.86 12.57
CA ASN A 11 -12.69 -2.70 13.87
C ASN A 11 -12.15 -1.28 14.08
N PHE A 12 -11.78 -0.94 15.31
CA PHE A 12 -11.27 0.41 15.59
C PHE A 12 -10.15 0.44 16.64
N ILE A 13 -9.35 1.50 16.59
CA ILE A 13 -8.27 1.68 17.56
C ILE A 13 -8.65 2.97 18.28
N THR A 14 -9.20 2.82 19.47
CA THR A 14 -9.66 3.99 20.21
C THR A 14 -8.87 4.44 21.45
N SER A 15 -7.76 3.77 21.76
CA SER A 15 -6.94 4.18 22.90
C SER A 15 -5.91 5.24 22.47
N LYS A 16 -6.08 6.46 22.96
CA LYS A 16 -5.14 7.52 22.58
C LYS A 16 -3.72 7.11 22.86
N HIS A 17 -3.51 6.46 24.00
CA HIS A 17 -2.18 6.02 24.36
C HIS A 17 -1.58 5.19 23.22
N ASN A 18 -2.42 4.38 22.58
CA ASN A 18 -1.98 3.53 21.48
C ASN A 18 -1.80 4.32 20.20
N ILE A 19 -2.75 5.22 19.94
CA ILE A 19 -2.67 6.05 18.74
C ILE A 19 -1.36 6.83 18.73
N ASP A 20 -1.00 7.41 19.88
CA ASP A 20 0.25 8.14 19.94
C ASP A 20 1.42 7.23 19.63
N LYS A 21 1.41 6.01 20.17
CA LYS A 21 2.52 5.10 19.89
C LYS A 21 2.68 4.90 18.38
N ILE A 22 1.55 4.79 17.67
CA ILE A 22 1.59 4.58 16.24
C ILE A 22 1.97 5.85 15.45
N MET A 23 1.56 7.02 15.92
CA MET A 23 1.89 8.29 15.27
C MET A 23 3.40 8.51 15.32
N THR A 24 4.00 7.98 16.37
CA THR A 24 5.44 8.05 16.61
C THR A 24 6.25 7.61 15.39
N ASN A 25 5.75 6.58 14.71
CA ASN A 25 6.39 6.00 13.54
C ASN A 25 5.97 6.63 12.22
N ILE A 26 4.89 7.39 12.25
CA ILE A 26 4.38 8.04 11.07
C ILE A 26 4.97 9.44 10.98
N ARG A 27 5.80 9.67 9.97
CA ARG A 27 6.46 10.95 9.78
C ARG A 27 5.68 11.85 8.85
N LEU A 28 4.58 12.42 9.31
CA LEU A 28 3.83 13.32 8.48
C LEU A 28 4.08 14.68 9.09
N ASN A 29 4.21 15.72 8.28
CA ASN A 29 4.46 17.04 8.84
C ASN A 29 3.30 18.03 8.65
N GLU A 30 3.49 19.23 9.19
CA GLU A 30 2.51 20.29 9.17
C GLU A 30 2.08 20.81 7.79
N HIS A 31 2.90 20.61 6.77
CA HIS A 31 2.58 21.11 5.44
C HIS A 31 1.96 20.12 4.44
N ASP A 32 1.87 18.85 4.82
CA ASP A 32 1.30 17.82 3.95
C ASP A 32 -0.21 17.77 3.95
N ASN A 33 -0.81 17.53 2.78
CA ASN A 33 -2.26 17.35 2.72
C ASN A 33 -2.44 15.85 2.79
N ILE A 34 -3.37 15.41 3.63
CA ILE A 34 -3.60 13.98 3.83
C ILE A 34 -5.00 13.48 3.51
N PHE A 35 -5.06 12.29 2.90
CA PHE A 35 -6.32 11.61 2.59
C PHE A 35 -6.33 10.41 3.53
N GLU A 36 -7.31 10.32 4.41
CA GLU A 36 -7.37 9.16 5.29
C GLU A 36 -8.42 8.21 4.74
N ILE A 37 -8.13 6.92 4.77
CA ILE A 37 -9.08 5.94 4.27
C ILE A 37 -9.82 5.34 5.45
N GLY A 38 -11.06 5.79 5.65
CA GLY A 38 -11.88 5.27 6.74
C GLY A 38 -11.62 5.88 8.10
N SER A 39 -12.25 7.02 8.36
CA SER A 39 -12.09 7.72 9.60
C SER A 39 -12.60 6.93 10.80
N GLY A 40 -13.70 6.21 10.62
CA GLY A 40 -14.23 5.44 11.72
C GLY A 40 -14.71 6.40 12.80
N LYS A 41 -14.33 6.19 14.05
CA LYS A 41 -14.77 7.09 15.12
C LYS A 41 -14.01 8.41 15.05
N GLY A 42 -13.02 8.47 14.16
CA GLY A 42 -12.24 9.68 14.00
C GLY A 42 -10.96 9.74 14.83
N HIS A 43 -10.62 8.65 15.50
CA HIS A 43 -9.44 8.61 16.35
C HIS A 43 -8.12 8.99 15.71
N PHE A 44 -7.78 8.37 14.58
CA PHE A 44 -6.53 8.73 13.91
C PHE A 44 -6.72 10.10 13.28
N THR A 45 -7.96 10.38 12.85
CA THR A 45 -8.26 11.66 12.20
C THR A 45 -7.98 12.85 13.11
N LEU A 46 -8.37 12.70 14.38
CA LEU A 46 -8.16 13.77 15.36
C LEU A 46 -6.71 14.15 15.46
N GLU A 47 -5.82 13.17 15.32
CA GLU A 47 -4.40 13.47 15.42
C GLU A 47 -3.83 14.06 14.14
N LEU A 48 -4.25 13.53 12.99
CA LEU A 48 -3.77 14.02 11.69
C LEU A 48 -4.05 15.51 11.50
N VAL A 49 -5.26 15.94 11.79
CA VAL A 49 -5.59 17.35 11.62
C VAL A 49 -4.63 18.23 12.40
N GLN A 50 -4.24 17.82 13.59
CA GLN A 50 -3.32 18.64 14.39
C GLN A 50 -1.92 18.52 13.81
N ARG A 51 -1.59 17.31 13.38
CA ARG A 51 -0.30 16.99 12.81
C ARG A 51 -0.05 17.58 11.41
N CYS A 52 -1.04 17.48 10.54
CA CYS A 52 -0.90 17.91 9.16
C CYS A 52 -1.59 19.20 8.74
N ASN A 53 -1.34 19.59 7.50
CA ASN A 53 -1.87 20.81 6.95
C ASN A 53 -3.37 20.74 6.68
N PHE A 54 -3.83 19.64 6.12
CA PHE A 54 -5.25 19.49 5.83
C PHE A 54 -5.57 18.01 5.63
N VAL A 55 -6.71 17.57 6.17
CA VAL A 55 -7.10 16.17 6.06
C VAL A 55 -8.45 15.99 5.39
N THR A 56 -8.48 15.19 4.33
CA THR A 56 -9.72 14.89 3.64
C THR A 56 -10.05 13.46 4.01
N ALA A 57 -10.99 13.29 4.93
CA ALA A 57 -11.38 11.97 5.40
C ALA A 57 -12.36 11.31 4.44
N ILE A 58 -12.07 10.08 4.02
CA ILE A 58 -12.97 9.39 3.11
C ILE A 58 -13.57 8.20 3.83
N GLU A 59 -14.81 8.34 4.27
CA GLU A 59 -15.50 7.28 4.99
C GLU A 59 -16.75 6.85 4.23
N ILE A 60 -16.86 5.55 3.99
CA ILE A 60 -17.99 4.98 3.27
C ILE A 60 -19.26 5.00 4.11
N ASP A 61 -19.16 4.54 5.36
CA ASP A 61 -20.29 4.50 6.30
C ASP A 61 -20.68 5.93 6.65
N HIS A 62 -21.96 6.25 6.46
CA HIS A 62 -22.43 7.60 6.73
C HIS A 62 -22.52 7.96 8.22
N LYS A 63 -22.90 7.01 9.07
CA LYS A 63 -22.98 7.32 10.49
C LYS A 63 -21.59 7.63 11.07
N LEU A 64 -20.58 6.95 10.54
CA LEU A 64 -19.21 7.17 10.98
C LEU A 64 -18.69 8.53 10.51
N CYS A 65 -19.19 9.00 9.37
CA CYS A 65 -18.77 10.31 8.90
C CYS A 65 -19.24 11.32 9.93
N LYS A 66 -20.39 11.04 10.54
CA LYS A 66 -20.95 11.95 11.54
C LYS A 66 -20.07 11.93 12.77
N THR A 67 -19.80 10.74 13.28
CA THR A 67 -18.96 10.57 14.47
C THR A 67 -17.60 11.24 14.28
N THR A 68 -17.05 11.10 13.07
CA THR A 68 -15.77 11.69 12.73
C THR A 68 -15.88 13.20 12.87
N GLU A 69 -17.00 13.75 12.41
CA GLU A 69 -17.25 15.18 12.49
C GLU A 69 -17.43 15.68 13.93
N ASN A 70 -18.14 14.91 14.76
CA ASN A 70 -18.35 15.30 16.15
C ASN A 70 -16.98 15.34 16.81
N LYS A 71 -16.17 14.34 16.50
CA LYS A 71 -14.83 14.22 17.05
C LYS A 71 -13.97 15.43 16.72
N LEU A 72 -14.02 15.85 15.46
CA LEU A 72 -13.20 16.99 14.98
C LEU A 72 -13.81 18.39 15.11
N VAL A 73 -14.75 18.56 16.03
CA VAL A 73 -15.42 19.84 16.24
C VAL A 73 -14.49 21.06 16.38
N ASP A 74 -13.55 21.03 17.32
CA ASP A 74 -12.64 22.15 17.51
C ASP A 74 -11.56 22.29 16.48
N HIS A 75 -11.82 21.81 15.28
CA HIS A 75 -10.84 21.86 14.21
C HIS A 75 -11.44 22.27 12.88
N ASP A 76 -10.61 22.81 12.00
CA ASP A 76 -11.10 23.27 10.71
C ASP A 76 -10.40 22.74 9.47
N ASN A 77 -9.13 22.35 9.59
CA ASN A 77 -8.42 21.86 8.42
C ASN A 77 -8.77 20.46 7.96
N PHE A 78 -10.06 20.20 7.74
CA PHE A 78 -10.46 18.88 7.26
C PHE A 78 -11.82 18.95 6.64
N GLN A 79 -12.21 17.87 5.96
CA GLN A 79 -13.53 17.74 5.36
C GLN A 79 -13.80 16.25 5.37
N VAL A 80 -15.06 15.86 5.52
CA VAL A 80 -15.40 14.45 5.56
C VAL A 80 -16.34 14.03 4.43
N LEU A 81 -15.78 13.44 3.39
CA LEU A 81 -16.53 12.97 2.24
C LEU A 81 -17.03 11.57 2.48
N ASN A 82 -18.34 11.42 2.35
CA ASN A 82 -19.01 10.14 2.55
C ASN A 82 -18.98 9.36 1.22
N LYS A 83 -17.79 8.91 0.84
CA LYS A 83 -17.61 8.17 -0.42
C LYS A 83 -16.91 6.82 -0.22
N ASP A 84 -16.82 6.05 -1.30
CA ASP A 84 -16.16 4.74 -1.24
C ASP A 84 -14.73 4.91 -1.77
N ILE A 85 -13.72 4.59 -0.95
CA ILE A 85 -12.32 4.73 -1.35
C ILE A 85 -12.06 4.15 -2.74
N LEU A 86 -12.67 3.01 -3.04
CA LEU A 86 -12.48 2.38 -4.33
C LEU A 86 -12.98 3.21 -5.51
N GLN A 87 -13.96 4.07 -5.24
CA GLN A 87 -14.54 4.89 -6.28
C GLN A 87 -14.01 6.33 -6.28
N PHE A 88 -13.19 6.66 -5.30
CA PHE A 88 -12.68 8.01 -5.18
C PHE A 88 -11.72 8.42 -6.29
N LYS A 89 -11.83 9.67 -6.74
CA LYS A 89 -10.93 10.19 -7.76
C LYS A 89 -9.98 11.17 -7.07
N PHE A 90 -8.72 10.77 -6.95
CA PHE A 90 -7.73 11.61 -6.28
C PHE A 90 -7.21 12.69 -7.23
N PRO A 91 -6.63 13.75 -6.66
CA PRO A 91 -6.07 14.86 -7.44
C PRO A 91 -4.94 14.36 -8.32
N LYS A 92 -4.78 14.97 -9.50
CA LYS A 92 -3.73 14.56 -10.42
C LYS A 92 -2.70 15.66 -10.63
N ASN A 93 -2.74 16.68 -9.77
CA ASN A 93 -1.81 17.79 -9.87
C ASN A 93 -1.47 18.36 -8.52
N GLN A 94 -1.44 17.50 -7.52
CA GLN A 94 -1.17 17.95 -6.17
C GLN A 94 -0.29 16.96 -5.43
N SER A 95 0.41 17.45 -4.42
CA SER A 95 1.25 16.60 -3.61
C SER A 95 0.47 16.25 -2.34
N TYR A 96 0.19 14.97 -2.16
CA TYR A 96 -0.54 14.52 -0.97
C TYR A 96 -0.07 13.17 -0.51
N LYS A 97 -0.30 12.88 0.75
CA LYS A 97 0.09 11.61 1.31
C LYS A 97 -1.16 10.91 1.78
N ILE A 98 -1.06 9.61 2.05
CA ILE A 98 -2.22 8.86 2.50
C ILE A 98 -1.94 8.05 3.74
N PHE A 99 -2.96 7.92 4.58
CA PHE A 99 -2.91 7.11 5.78
C PHE A 99 -4.20 6.30 5.86
N GLY A 100 -4.14 5.13 6.48
CA GLY A 100 -5.33 4.33 6.60
C GLY A 100 -5.16 3.05 7.39
N ASN A 101 -6.08 2.84 8.32
CA ASN A 101 -6.10 1.65 9.15
C ASN A 101 -7.18 0.84 8.46
N ILE A 102 -6.84 0.27 7.30
CA ILE A 102 -7.83 -0.44 6.49
C ILE A 102 -8.20 -1.89 6.80
N PRO A 103 -9.43 -2.29 6.41
CA PRO A 103 -10.02 -3.62 6.58
C PRO A 103 -9.27 -4.67 5.77
N TYR A 104 -9.26 -5.89 6.28
CA TYR A 104 -8.58 -7.00 5.61
C TYR A 104 -9.27 -7.38 4.29
N ASN A 105 -10.55 -7.70 4.36
CA ASN A 105 -11.27 -8.13 3.17
C ASN A 105 -10.97 -7.33 1.90
N ILE A 106 -10.74 -6.03 2.02
CA ILE A 106 -10.45 -5.26 0.81
C ILE A 106 -9.06 -4.61 0.77
N SER A 107 -8.13 -5.10 1.57
CA SER A 107 -6.78 -4.55 1.57
C SER A 107 -6.21 -4.52 0.16
N THR A 108 -6.22 -5.66 -0.52
CA THR A 108 -5.70 -5.74 -1.88
C THR A 108 -6.32 -4.71 -2.81
N ASP A 109 -7.64 -4.56 -2.76
CA ASP A 109 -8.30 -3.60 -3.62
C ASP A 109 -8.00 -2.14 -3.29
N ILE A 110 -7.79 -1.85 -2.01
CA ILE A 110 -7.49 -0.49 -1.58
C ILE A 110 -6.06 -0.10 -1.95
N ILE A 111 -5.14 -0.98 -1.61
CA ILE A 111 -3.74 -0.73 -1.88
C ILE A 111 -3.54 -0.58 -3.39
N ARG A 112 -4.22 -1.40 -4.19
CA ARG A 112 -4.08 -1.30 -5.64
C ARG A 112 -4.66 0.03 -6.12
N LYS A 113 -5.80 0.40 -5.56
CA LYS A 113 -6.44 1.65 -5.92
C LYS A 113 -5.54 2.85 -5.65
N ILE A 114 -5.02 2.95 -4.43
CA ILE A 114 -4.18 4.08 -4.07
C ILE A 114 -2.77 4.10 -4.65
N VAL A 115 -2.25 2.94 -5.04
CA VAL A 115 -0.91 2.88 -5.63
C VAL A 115 -0.99 3.01 -7.15
N PHE A 116 -2.06 2.54 -7.77
CA PHE A 116 -2.14 2.66 -9.22
C PHE A 116 -3.07 3.74 -9.74
N ASP A 117 -4.07 4.13 -8.94
CA ASP A 117 -5.02 5.16 -9.36
C ASP A 117 -4.93 6.38 -8.45
N SER A 118 -3.72 6.74 -8.08
CA SER A 118 -3.46 7.89 -7.22
C SER A 118 -2.00 8.27 -7.38
N ILE A 119 -1.64 9.50 -7.02
CA ILE A 119 -0.24 9.88 -7.14
C ILE A 119 0.36 10.31 -5.80
N ALA A 120 -0.22 9.82 -4.70
CA ALA A 120 0.30 10.16 -3.39
C ALA A 120 1.76 9.75 -3.33
N ASP A 121 2.66 10.63 -2.92
CA ASP A 121 4.06 10.24 -2.89
C ASP A 121 4.39 9.41 -1.67
N GLU A 122 3.50 9.38 -0.69
CA GLU A 122 3.79 8.59 0.48
C GLU A 122 2.50 8.07 1.12
N ILE A 123 2.42 6.74 1.28
CA ILE A 123 1.25 6.06 1.84
C ILE A 123 1.56 5.26 3.11
N TYR A 124 0.78 5.51 4.17
CA TYR A 124 0.92 4.81 5.44
C TYR A 124 -0.33 3.96 5.68
N LEU A 125 -0.17 2.65 5.80
CA LEU A 125 -1.32 1.79 6.04
C LEU A 125 -1.09 0.85 7.20
N ILE A 126 -2.17 0.43 7.86
CA ILE A 126 -2.06 -0.57 8.90
C ILE A 126 -2.84 -1.77 8.32
N VAL A 127 -2.17 -2.91 8.21
CA VAL A 127 -2.79 -4.11 7.66
C VAL A 127 -2.40 -5.29 8.53
N GLU A 128 -2.93 -6.48 8.21
CA GLU A 128 -2.63 -7.67 9.00
C GLU A 128 -1.18 -8.09 8.78
N TYR A 129 -0.52 -8.48 9.86
CA TYR A 129 0.89 -8.91 9.88
C TYR A 129 1.29 -9.80 8.72
N GLY A 130 0.47 -10.81 8.45
CA GLY A 130 0.76 -11.74 7.38
C GLY A 130 0.67 -11.04 6.05
N PHE A 131 -0.42 -10.33 5.83
CA PHE A 131 -0.63 -9.61 4.59
C PHE A 131 0.54 -8.65 4.33
N ALA A 132 1.14 -8.11 5.39
CA ALA A 132 2.26 -7.20 5.24
C ALA A 132 3.45 -8.00 4.73
N LYS A 133 3.66 -9.18 5.31
CA LYS A 133 4.76 -10.04 4.90
C LYS A 133 4.63 -10.37 3.41
N ARG A 134 3.40 -10.52 2.94
CA ARG A 134 3.18 -10.85 1.54
C ARG A 134 3.53 -9.73 0.58
N LEU A 135 3.27 -8.48 0.99
CA LEU A 135 3.58 -7.34 0.13
C LEU A 135 5.07 -7.29 -0.19
N LEU A 136 5.90 -7.91 0.63
CA LEU A 136 7.35 -7.91 0.41
C LEU A 136 7.86 -9.21 -0.18
N ASN A 137 6.96 -10.15 -0.40
CA ASN A 137 7.33 -11.46 -0.92
C ASN A 137 7.38 -11.52 -2.45
N THR A 138 8.58 -11.60 -3.01
CA THR A 138 8.74 -11.63 -4.47
C THR A 138 8.16 -12.84 -5.17
N LYS A 139 7.53 -13.75 -4.43
CA LYS A 139 6.92 -14.91 -5.06
C LYS A 139 5.45 -14.66 -5.42
N ARG A 140 4.88 -13.53 -4.99
CA ARG A 140 3.48 -13.23 -5.28
C ARG A 140 3.33 -12.07 -6.26
N SER A 141 2.37 -12.18 -7.17
CA SER A 141 2.15 -11.16 -8.19
C SER A 141 1.84 -9.75 -7.69
N LEU A 142 1.13 -9.64 -6.57
CA LEU A 142 0.79 -8.31 -6.05
C LEU A 142 2.08 -7.56 -5.70
N ALA A 143 2.90 -8.17 -4.86
CA ALA A 143 4.15 -7.53 -4.46
C ALA A 143 4.96 -7.11 -5.67
N LEU A 144 4.94 -7.93 -6.70
CA LEU A 144 5.70 -7.65 -7.90
C LEU A 144 5.15 -6.47 -8.71
N PHE A 145 3.83 -6.37 -8.82
CA PHE A 145 3.22 -5.24 -9.55
C PHE A 145 3.46 -3.97 -8.75
N LEU A 146 3.35 -4.09 -7.43
CA LEU A 146 3.51 -2.96 -6.52
C LEU A 146 4.93 -2.41 -6.44
N MET A 147 5.93 -3.29 -6.49
CA MET A 147 7.32 -2.85 -6.39
C MET A 147 7.84 -2.07 -7.60
N ALA A 148 7.04 -2.04 -8.65
CA ALA A 148 7.44 -1.30 -9.83
C ALA A 148 7.08 0.17 -9.63
N GLU A 149 6.19 0.43 -8.67
CA GLU A 149 5.70 1.78 -8.39
C GLU A 149 6.10 2.37 -7.03
N VAL A 150 6.28 1.53 -6.04
CA VAL A 150 6.61 2.05 -4.72
C VAL A 150 7.57 1.18 -3.94
N ASP A 151 8.25 1.77 -2.96
CA ASP A 151 9.13 1.00 -2.10
C ASP A 151 8.26 0.69 -0.87
N ILE A 152 8.29 -0.57 -0.44
CA ILE A 152 7.49 -1.07 0.67
C ILE A 152 8.32 -1.39 1.91
N SER A 153 7.94 -0.83 3.04
CA SER A 153 8.68 -1.11 4.27
C SER A 153 7.75 -1.24 5.49
N ILE A 154 8.02 -2.25 6.31
CA ILE A 154 7.22 -2.50 7.50
C ILE A 154 7.87 -1.78 8.69
N LEU A 155 7.15 -0.81 9.25
CA LEU A 155 7.67 0.00 10.35
C LEU A 155 7.50 -0.57 11.76
N SER A 156 6.41 -1.28 12.01
CA SER A 156 6.21 -1.82 13.34
C SER A 156 5.02 -2.76 13.42
N MET A 157 4.83 -3.36 14.59
CA MET A 157 3.74 -4.30 14.79
C MET A 157 2.63 -3.64 15.61
N VAL A 158 1.38 -3.80 15.16
CA VAL A 158 0.24 -3.25 15.88
C VAL A 158 -0.49 -4.43 16.54
N PRO A 159 -0.36 -4.58 17.87
CA PRO A 159 -1.00 -5.68 18.58
C PRO A 159 -2.51 -5.69 18.38
N ARG A 160 -3.10 -6.88 18.24
CA ARG A 160 -4.53 -6.97 18.05
C ARG A 160 -5.33 -6.41 19.21
N GLU A 161 -4.73 -6.32 20.39
CA GLU A 161 -5.44 -5.76 21.55
C GLU A 161 -5.76 -4.28 21.30
N TYR A 162 -4.92 -3.63 20.50
CA TYR A 162 -5.10 -2.22 20.16
C TYR A 162 -6.40 -2.04 19.39
N PHE A 163 -6.94 -3.14 18.87
CA PHE A 163 -8.18 -3.14 18.09
C PHE A 163 -9.41 -3.64 18.86
N HIS A 164 -10.59 -3.32 18.34
CA HIS A 164 -11.85 -3.79 18.90
C HIS A 164 -12.97 -3.71 17.86
N PRO A 165 -13.65 -4.83 17.59
CA PRO A 165 -13.47 -6.20 18.10
C PRO A 165 -12.03 -6.72 17.95
N LYS A 166 -11.55 -7.40 18.98
CA LYS A 166 -10.18 -7.94 18.97
C LYS A 166 -10.01 -9.00 17.88
N PRO A 167 -9.29 -8.67 16.79
CA PRO A 167 -9.05 -9.62 15.69
C PRO A 167 -8.25 -10.84 16.13
N LYS A 168 -8.20 -11.86 15.28
CA LYS A 168 -7.49 -13.10 15.59
C LYS A 168 -5.98 -13.03 15.35
N VAL A 169 -5.53 -11.95 14.71
CA VAL A 169 -4.11 -11.79 14.41
C VAL A 169 -3.63 -10.36 14.50
N ASN A 170 -2.33 -10.20 14.74
CA ASN A 170 -1.74 -8.89 14.86
C ASN A 170 -1.67 -8.18 13.50
N SER A 171 -1.23 -6.93 13.52
CA SER A 171 -1.16 -6.14 12.31
C SER A 171 0.16 -5.39 12.25
N SER A 172 0.44 -4.79 11.10
CA SER A 172 1.68 -4.06 10.93
C SER A 172 1.39 -2.71 10.33
N LEU A 173 2.20 -1.72 10.68
CA LEU A 173 2.07 -0.37 10.14
C LEU A 173 3.09 -0.39 9.00
N ILE A 174 2.67 -0.14 7.77
CA ILE A 174 3.63 -0.16 6.66
C ILE A 174 3.72 1.17 5.93
N ARG A 175 4.79 1.37 5.16
CA ARG A 175 4.97 2.62 4.42
C ARG A 175 5.31 2.37 2.95
N LEU A 176 4.54 2.97 2.05
CA LEU A 176 4.77 2.85 0.62
C LEU A 176 5.27 4.19 0.10
N ASN A 177 6.49 4.21 -0.44
CA ASN A 177 7.04 5.46 -0.95
C ASN A 177 7.12 5.41 -2.47
N ARG A 178 6.63 6.45 -3.12
CA ARG A 178 6.66 6.49 -4.58
C ARG A 178 8.09 6.62 -5.08
N LYS A 179 8.33 6.07 -6.27
CA LYS A 179 9.65 6.14 -6.91
C LYS A 179 9.43 6.24 -8.40
N LYS A 180 10.43 6.69 -9.15
CA LYS A 180 10.28 6.77 -10.60
C LYS A 180 9.92 5.34 -11.00
N SER A 181 8.77 5.15 -11.63
CA SER A 181 8.37 3.82 -12.02
C SER A 181 9.49 3.10 -12.76
N ARG A 182 9.69 1.83 -12.42
CA ARG A 182 10.74 1.01 -13.02
C ARG A 182 10.21 0.37 -14.30
N ILE A 183 8.91 0.42 -14.51
CA ILE A 183 8.32 -0.18 -15.69
C ILE A 183 7.68 0.88 -16.55
N SER A 184 8.22 1.08 -17.75
CA SER A 184 7.71 2.09 -18.66
C SER A 184 6.24 1.82 -18.99
N HIS A 185 5.53 2.85 -19.43
CA HIS A 185 4.12 2.67 -19.75
C HIS A 185 4.04 1.71 -20.94
N LYS A 186 5.02 1.78 -21.83
CA LYS A 186 5.03 0.88 -23.00
C LYS A 186 5.01 -0.57 -22.56
N ASP A 187 5.88 -0.91 -21.60
CA ASP A 187 5.98 -2.27 -21.11
C ASP A 187 4.86 -2.68 -20.16
N LYS A 188 3.79 -1.88 -20.11
CA LYS A 188 2.65 -2.13 -19.22
C LYS A 188 2.14 -3.57 -19.33
N GLN A 189 1.76 -3.99 -20.53
CA GLN A 189 1.28 -5.35 -20.71
C GLN A 189 2.35 -6.44 -20.62
N LYS A 190 3.48 -6.26 -21.29
CA LYS A 190 4.54 -7.25 -21.21
C LYS A 190 4.91 -7.58 -19.77
N TYR A 191 5.01 -6.56 -18.94
CA TYR A 191 5.35 -6.75 -17.54
C TYR A 191 4.25 -7.50 -16.80
N ASN A 192 3.01 -7.16 -17.10
CA ASN A 192 1.86 -7.79 -16.47
C ASN A 192 1.84 -9.29 -16.78
N TYR A 193 1.93 -9.61 -18.06
CA TYR A 193 1.93 -10.99 -18.52
C TYR A 193 3.12 -11.72 -17.88
N PHE A 194 4.30 -11.10 -17.96
CA PHE A 194 5.48 -11.71 -17.40
C PHE A 194 5.37 -11.96 -15.90
N VAL A 195 4.77 -11.02 -15.18
CA VAL A 195 4.65 -11.21 -13.74
C VAL A 195 3.76 -12.38 -13.48
N MET A 196 2.65 -12.42 -14.19
CA MET A 196 1.74 -13.54 -13.96
C MET A 196 2.27 -14.88 -14.36
N LYS A 197 2.98 -14.93 -15.48
CA LYS A 197 3.55 -16.18 -15.94
C LYS A 197 4.66 -16.67 -15.01
N TRP A 198 5.46 -15.75 -14.47
CA TRP A 198 6.57 -16.12 -13.60
C TRP A 198 6.17 -16.58 -12.20
N VAL A 199 5.23 -15.87 -11.58
CA VAL A 199 4.79 -16.25 -10.25
C VAL A 199 4.20 -17.66 -10.30
N ASN A 200 3.49 -17.98 -11.40
CA ASN A 200 2.90 -19.31 -11.55
C ASN A 200 3.89 -20.37 -12.03
N LYS A 201 5.18 -20.02 -12.01
CA LYS A 201 6.25 -20.91 -12.43
C LYS A 201 6.09 -21.48 -13.86
N GLU A 202 5.18 -20.89 -14.63
CA GLU A 202 4.96 -21.31 -16.00
C GLU A 202 6.15 -20.84 -16.84
N TYR A 203 7.35 -21.15 -16.39
CA TYR A 203 8.56 -20.73 -17.08
C TYR A 203 8.60 -20.90 -18.59
N LYS A 204 8.27 -22.09 -19.08
CA LYS A 204 8.30 -22.33 -20.52
C LYS A 204 7.46 -21.36 -21.36
N LYS A 205 6.44 -20.74 -20.77
CA LYS A 205 5.63 -19.80 -21.54
C LYS A 205 6.38 -18.48 -21.73
N ILE A 206 7.45 -18.27 -20.99
CA ILE A 206 8.23 -17.02 -21.06
C ILE A 206 9.71 -17.18 -21.37
N PHE A 207 10.24 -18.38 -21.21
CA PHE A 207 11.65 -18.63 -21.50
C PHE A 207 11.83 -20.01 -22.08
N THR A 208 12.70 -20.13 -23.09
CA THR A 208 12.98 -21.44 -23.65
C THR A 208 13.87 -22.04 -22.55
N LYS A 209 14.43 -23.22 -22.79
CA LYS A 209 15.27 -23.82 -21.75
C LYS A 209 16.62 -23.10 -21.59
N ASN A 210 17.14 -22.51 -22.66
CA ASN A 210 18.42 -21.83 -22.54
C ASN A 210 18.29 -20.37 -22.15
N GLN A 211 17.25 -19.71 -22.66
CA GLN A 211 17.03 -18.30 -22.32
C GLN A 211 16.88 -18.21 -20.82
N PHE A 212 16.25 -19.22 -20.26
CA PHE A 212 16.02 -19.30 -18.83
C PHE A 212 17.31 -19.47 -18.03
N ASN A 213 18.23 -20.29 -18.50
CA ASN A 213 19.47 -20.44 -17.75
C ASN A 213 20.31 -19.18 -17.82
N ASN A 214 20.52 -18.67 -19.02
CA ASN A 214 21.30 -17.44 -19.19
C ASN A 214 20.69 -16.32 -18.35
N SER A 215 19.37 -16.16 -18.43
CA SER A 215 18.68 -15.12 -17.68
C SER A 215 18.92 -15.21 -16.18
N LEU A 216 18.93 -16.42 -15.63
CA LEU A 216 19.16 -16.57 -14.20
C LEU A 216 20.60 -16.26 -13.82
N LYS A 217 21.54 -16.77 -14.60
CA LYS A 217 22.96 -16.55 -14.36
C LYS A 217 23.31 -15.08 -14.60
N HIS A 218 22.63 -14.47 -15.57
CA HIS A 218 22.88 -13.06 -15.86
C HIS A 218 22.43 -12.23 -14.68
N ALA A 219 21.24 -12.53 -14.15
CA ALA A 219 20.68 -11.81 -13.01
C ALA A 219 21.34 -12.23 -11.71
N GLY A 220 22.17 -13.27 -11.76
CA GLY A 220 22.85 -13.75 -10.59
C GLY A 220 21.93 -14.39 -9.57
N ILE A 221 20.96 -15.17 -10.06
CA ILE A 221 19.99 -15.85 -9.21
C ILE A 221 20.44 -17.26 -8.89
N ASP A 222 20.97 -17.50 -7.69
CA ASP A 222 21.39 -18.85 -7.32
C ASP A 222 20.22 -19.65 -6.74
N ASP A 223 19.56 -19.10 -5.72
CA ASP A 223 18.39 -19.73 -5.11
C ASP A 223 17.16 -19.17 -5.85
N LEU A 224 16.50 -20.01 -6.63
CA LEU A 224 15.34 -19.58 -7.42
C LEU A 224 14.07 -19.44 -6.58
N ASN A 225 14.18 -19.76 -5.29
CA ASN A 225 13.06 -19.70 -4.37
C ASN A 225 13.22 -18.46 -3.49
N ASN A 226 14.26 -17.68 -3.76
CA ASN A 226 14.55 -16.47 -3.01
C ASN A 226 15.30 -15.45 -3.88
N ILE A 227 14.55 -14.60 -4.58
CA ILE A 227 15.17 -13.60 -5.43
C ILE A 227 14.72 -12.20 -5.05
N SER A 228 15.58 -11.23 -5.29
CA SER A 228 15.28 -9.83 -4.98
C SER A 228 14.46 -9.21 -6.08
N PHE A 229 13.74 -8.15 -5.76
CA PHE A 229 12.95 -7.49 -6.78
C PHE A 229 13.87 -7.01 -7.89
N GLU A 230 15.07 -6.58 -7.50
CA GLU A 230 16.04 -6.08 -8.48
C GLU A 230 16.43 -7.21 -9.44
N GLN A 231 16.62 -8.41 -8.92
CA GLN A 231 16.97 -9.54 -9.76
C GLN A 231 15.83 -9.84 -10.74
N PHE A 232 14.60 -9.84 -10.23
CA PHE A 232 13.40 -10.09 -11.04
C PHE A 232 13.33 -9.11 -12.21
N LEU A 233 13.66 -7.83 -11.96
CA LEU A 233 13.62 -6.87 -13.03
C LEU A 233 14.58 -7.29 -14.11
N SER A 234 15.73 -7.83 -13.69
CA SER A 234 16.71 -8.27 -14.66
C SER A 234 16.08 -9.30 -15.56
N LEU A 235 15.41 -10.27 -14.93
CA LEU A 235 14.71 -11.32 -15.65
C LEU A 235 13.75 -10.72 -16.67
N PHE A 236 12.89 -9.82 -16.20
CA PHE A 236 11.92 -9.17 -17.09
C PHE A 236 12.62 -8.51 -18.25
N ASN A 237 13.74 -7.87 -17.97
CA ASN A 237 14.45 -7.17 -19.00
C ASN A 237 15.04 -8.12 -20.02
N SER A 238 15.67 -9.20 -19.54
CA SER A 238 16.20 -10.18 -20.47
C SER A 238 15.02 -10.63 -21.34
N TYR A 239 13.90 -10.94 -20.69
CA TYR A 239 12.69 -11.38 -21.37
C TYR A 239 12.39 -10.44 -22.55
N LYS A 240 12.42 -9.12 -22.31
CA LYS A 240 12.16 -8.15 -23.37
C LYS A 240 13.15 -8.30 -24.53
N LEU A 241 14.43 -8.45 -24.21
CA LEU A 241 15.48 -8.58 -25.22
C LEU A 241 15.22 -9.76 -26.14
N PHE A 242 14.95 -10.91 -25.56
CA PHE A 242 14.71 -12.12 -26.34
C PHE A 242 13.53 -12.03 -27.31
N ASN A 243 12.53 -11.22 -27.00
CA ASN A 243 11.36 -11.10 -27.86
C ASN A 243 11.23 -9.73 -28.52
N LYS A 244 12.03 -9.50 -29.57
CA LYS A 244 12.07 -8.25 -30.34
C LYS A 244 12.18 -6.99 -29.48
N SFG B . -9.72 4.92 11.60
CA SFG B . -10.63 4.09 12.38
C SFG B . -9.70 3.47 13.40
O SFG B . -9.90 3.69 14.58
OXT SFG B . -8.80 2.74 13.04
CB SFG B . -11.44 3.04 11.56
CG SFG B . -10.59 2.05 10.74
CD SFG B . -11.34 0.78 10.28
NE SFG B . -10.51 -0.41 10.42
C5' SFG B . -11.87 0.81 8.82
C4' SFG B . -12.73 2.02 8.46
O4' SFG B . -12.81 2.22 7.07
C3' SFG B . -14.17 1.94 8.98
O3' SFG B . -14.61 3.21 9.52
C2' SFG B . -14.98 1.61 7.74
O2' SFG B . -16.28 2.19 7.82
C1' SFG B . -14.16 2.28 6.65
N9 SFG B . -14.31 1.60 5.34
C8 SFG B . -14.45 0.28 5.05
N7 SFG B . -14.56 -0.01 3.73
C5 SFG B . -14.47 1.22 3.12
C6 SFG B . -14.49 1.65 1.82
N6 SFG B . -14.64 0.77 0.82
N1 SFG B . -14.37 2.97 1.47
C2 SFG B . -14.22 3.88 2.47
N3 SFG B . -14.18 3.56 3.78
C4 SFG B . -14.30 2.23 4.11
#